data_7EO3
#
_entry.id   7EO3
#
_cell.length_a   60.397
_cell.length_b   61.010
_cell.length_c   70.672
_cell.angle_alpha   90.000
_cell.angle_beta   90.000
_cell.angle_gamma   90.000
#
_symmetry.space_group_name_H-M   'P 21 21 21'
#
loop_
_entity.id
_entity.type
_entity.pdbx_description
1 polymer 1,3-beta-glucanase
2 non-polymer 2-AMINO-2-HYDROXYMETHYL-PROPANE-1,3-DIOL
3 non-polymer 'MAGNESIUM ION'
4 water water
#
_entity_poly.entity_id   1
_entity_poly.type   'polypeptide(L)'
_entity_poly.pdbx_seq_one_letter_code
;GSSVPAYSGWTLVWADDFTGPAGSLPSSENWIFDTGHSYPGGPDNWGTGEIQRYTDDPANVSLDGNGNLRITPLRSASGE
WTSARIETRRADFKPAPGGVLRIEARIQLPNVTGEAALGYWPAFWALGSPYRGDYWNWPRIGEFDIMENVNGLNRVWGVL
HCGVAPGGPCNEYDGLGNSRECPGTTCQAGMHTYRFEWDTSRSPNELRWYVDGQHYHTIRQDQLDATTWSNMTGHGGYFL
LLNVAMGGAFPDGVAGHATPTSATVPGRSMIVDYVGVWQSGGD
;
_entity_poly.pdbx_strand_id   A
#
# COMPACT_ATOMS: atom_id res chain seq x y z
N GLY A 1 -0.07 -17.94 -12.15
CA GLY A 1 0.09 -16.68 -11.47
C GLY A 1 0.26 -16.78 -9.96
N SER A 2 -0.18 -17.91 -9.40
CA SER A 2 -0.19 -18.05 -7.94
C SER A 2 1.21 -18.31 -7.40
N SER A 3 1.48 -17.76 -6.21
CA SER A 3 2.71 -17.91 -5.43
C SER A 3 3.85 -17.02 -5.93
N VAL A 4 4.84 -16.79 -5.07
CA VAL A 4 5.94 -15.84 -5.37
C VAL A 4 6.68 -16.31 -6.61
N PRO A 5 6.84 -15.47 -7.64
CA PRO A 5 7.53 -15.90 -8.86
C PRO A 5 9.03 -16.05 -8.65
N ALA A 6 9.62 -16.90 -9.49
CA ALA A 6 11.05 -17.17 -9.43
C ALA A 6 11.72 -16.38 -10.56
N TYR A 7 11.90 -15.07 -10.33
CA TYR A 7 12.38 -14.18 -11.39
C TYR A 7 13.84 -14.44 -11.71
N SER A 8 14.10 -14.79 -12.96
CA SER A 8 15.46 -15.03 -13.44
C SER A 8 16.18 -13.70 -13.65
N GLY A 9 17.44 -13.63 -13.20
CA GLY A 9 18.21 -12.41 -13.33
C GLY A 9 17.98 -11.40 -12.24
N TRP A 10 17.17 -11.74 -11.24
CA TRP A 10 16.91 -10.90 -10.08
C TRP A 10 17.15 -11.75 -8.84
N THR A 11 17.40 -11.07 -7.72
CA THR A 11 17.62 -11.73 -6.43
C THR A 11 16.48 -11.36 -5.49
N LEU A 12 15.82 -12.37 -4.95
CA LEU A 12 14.76 -12.13 -3.98
C LEU A 12 15.39 -11.64 -2.68
N VAL A 13 14.98 -10.44 -2.24
CA VAL A 13 15.44 -9.87 -0.99
C VAL A 13 14.59 -10.37 0.17
N TRP A 14 13.27 -10.34 -0.01
CA TRP A 14 12.33 -10.62 1.07
C TRP A 14 10.97 -10.90 0.44
N ALA A 15 10.23 -11.83 1.01
CA ALA A 15 8.88 -12.08 0.53
C ALA A 15 8.09 -12.74 1.64
N ASP A 16 6.77 -12.58 1.57
CA ASP A 16 5.83 -13.35 2.37
C ASP A 16 4.75 -13.88 1.44
N ASP A 17 4.66 -15.20 1.32
CA ASP A 17 3.63 -15.84 0.51
C ASP A 17 2.40 -16.20 1.32
N PHE A 18 2.37 -15.86 2.61
CA PHE A 18 1.18 -16.00 3.44
C PHE A 18 0.67 -17.45 3.52
N THR A 19 1.61 -18.38 3.60
CA THR A 19 1.25 -19.78 3.80
C THR A 19 1.10 -20.06 5.29
N GLY A 20 0.15 -20.94 5.60
CA GLY A 20 -0.12 -21.27 6.98
C GLY A 20 -1.60 -21.50 7.19
N PRO A 21 -1.97 -21.95 8.39
CA PRO A 21 -3.34 -22.42 8.62
C PRO A 21 -4.35 -21.30 8.63
N ALA A 22 -5.56 -21.63 8.16
CA ALA A 22 -6.68 -20.71 8.17
C ALA A 22 -6.91 -20.16 9.57
N GLY A 23 -7.12 -18.84 9.64
CA GLY A 23 -7.39 -18.17 10.89
C GLY A 23 -6.18 -17.75 11.69
N SER A 24 -4.98 -18.16 11.29
CA SER A 24 -3.79 -17.74 12.00
C SER A 24 -3.35 -16.36 11.52
N LEU A 25 -2.60 -15.67 12.37
CA LEU A 25 -2.12 -14.34 12.01
C LEU A 25 -0.88 -14.46 11.14
N PRO A 26 -0.64 -13.49 10.26
CA PRO A 26 0.64 -13.45 9.56
C PRO A 26 1.79 -13.28 10.55
N SER A 27 2.99 -13.58 10.07
CA SER A 27 4.16 -13.69 10.93
C SER A 27 4.51 -12.38 11.63
N SER A 28 4.63 -12.43 12.97
CA SER A 28 5.05 -11.25 13.71
CA SER A 28 5.06 -11.28 13.75
C SER A 28 6.56 -11.01 13.61
N GLU A 29 7.33 -11.98 13.12
CA GLU A 29 8.71 -11.71 12.78
C GLU A 29 8.78 -10.79 11.57
N ASN A 30 7.88 -10.99 10.60
CA ASN A 30 7.85 -10.19 9.39
C ASN A 30 7.11 -8.88 9.57
N TRP A 31 6.06 -8.86 10.40
CA TRP A 31 5.07 -7.80 10.38
C TRP A 31 4.83 -7.23 11.77
N ILE A 32 4.65 -5.91 11.79
CA ILE A 32 4.08 -5.16 12.90
C ILE A 32 2.60 -4.97 12.61
N PHE A 33 1.74 -5.24 13.59
CA PHE A 33 0.31 -4.96 13.48
C PHE A 33 0.06 -3.60 14.14
N ASP A 34 -0.35 -2.63 13.34
CA ASP A 34 -0.68 -1.32 13.87
C ASP A 34 -2.09 -1.34 14.44
N THR A 35 -2.28 -0.72 15.61
CA THR A 35 -3.61 -0.69 16.21
C THR A 35 -4.07 0.73 16.45
N GLY A 36 -5.38 0.88 16.58
CA GLY A 36 -5.94 2.17 16.96
C GLY A 36 -6.19 3.11 15.80
N HIS A 37 -6.14 4.40 16.11
CA HIS A 37 -6.47 5.47 15.18
C HIS A 37 -5.27 6.31 14.76
N SER A 38 -4.07 6.01 15.25
CA SER A 38 -2.89 6.78 14.86
C SER A 38 -1.65 6.04 15.30
N TYR A 39 -0.52 6.45 14.73
CA TYR A 39 0.75 6.16 15.37
C TYR A 39 0.82 6.91 16.69
N PRO A 40 1.60 6.42 17.64
CA PRO A 40 1.72 7.13 18.93
C PRO A 40 2.42 8.46 18.73
N GLY A 41 1.75 9.55 19.11
CA GLY A 41 2.26 10.87 18.83
C GLY A 41 2.16 11.29 17.39
N GLY A 42 1.45 10.53 16.55
CA GLY A 42 1.32 10.87 15.15
C GLY A 42 0.04 11.61 14.85
N PRO A 43 -0.19 11.93 13.57
CA PRO A 43 -1.41 12.65 13.20
C PRO A 43 -2.67 11.84 13.48
N ASP A 44 -3.73 12.55 13.86
CA ASP A 44 -5.00 11.91 14.18
C ASP A 44 -5.54 11.14 12.99
N ASN A 45 -6.23 10.04 13.27
CA ASN A 45 -6.93 9.26 12.25
C ASN A 45 -6.03 8.95 11.07
N TRP A 46 -4.81 8.51 11.38
CA TRP A 46 -3.84 8.05 10.40
C TRP A 46 -3.48 9.13 9.38
N GLY A 47 -3.71 10.39 9.74
CA GLY A 47 -3.43 11.50 8.84
C GLY A 47 -4.40 11.67 7.71
N THR A 48 -5.49 10.91 7.66
CA THR A 48 -6.42 10.95 6.53
C THR A 48 -7.85 11.26 6.91
N GLY A 49 -8.22 11.15 8.18
CA GLY A 49 -9.61 11.25 8.58
C GLY A 49 -10.37 9.95 8.54
N GLU A 50 -9.75 8.85 8.11
CA GLU A 50 -10.41 7.55 8.12
C GLU A 50 -10.87 7.21 9.54
N ILE A 51 -11.94 6.43 9.64
CA ILE A 51 -12.66 6.28 10.91
CA ILE A 51 -12.67 6.28 10.90
C ILE A 51 -12.52 4.91 11.55
N GLN A 52 -11.88 3.95 10.90
CA GLN A 52 -11.81 2.61 11.47
C GLN A 52 -10.75 2.52 12.58
N ARG A 53 -10.97 1.61 13.52
CA ARG A 53 -9.96 1.24 14.50
C ARG A 53 -9.23 0.01 13.98
N TYR A 54 -7.92 0.10 13.85
CA TYR A 54 -7.14 -1.06 13.43
C TYR A 54 -6.89 -1.98 14.61
N THR A 55 -6.88 -3.29 14.34
CA THR A 55 -6.80 -4.31 15.38
C THR A 55 -5.81 -5.39 14.99
N ASP A 56 -5.50 -6.25 15.95
CA ASP A 56 -4.83 -7.52 15.70
C ASP A 56 -5.78 -8.71 15.82
N ASP A 57 -7.08 -8.47 15.64
CA ASP A 57 -8.08 -9.53 15.75
CA ASP A 57 -8.06 -9.53 15.75
C ASP A 57 -8.04 -10.40 14.51
N PRO A 58 -7.97 -11.73 14.64
CA PRO A 58 -8.05 -12.59 13.46
C PRO A 58 -9.28 -12.35 12.59
N ALA A 59 -10.37 -11.82 13.17
CA ALA A 59 -11.54 -11.49 12.37
C ALA A 59 -11.23 -10.39 11.35
N ASN A 60 -10.28 -9.50 11.67
CA ASN A 60 -9.88 -8.45 10.74
C ASN A 60 -8.65 -8.81 9.91
N VAL A 61 -7.80 -9.73 10.37
CA VAL A 61 -6.57 -10.05 9.65
C VAL A 61 -6.17 -11.48 9.94
N SER A 62 -6.14 -12.32 8.91
CA SER A 62 -5.71 -13.69 9.10
C SER A 62 -5.42 -14.35 7.77
N LEU A 63 -4.65 -15.44 7.84
CA LEU A 63 -4.43 -16.27 6.67
C LEU A 63 -5.69 -17.08 6.37
N ASP A 64 -5.87 -17.44 5.10
CA ASP A 64 -7.03 -18.21 4.70
C ASP A 64 -6.77 -19.71 4.60
N GLY A 65 -5.52 -20.15 4.85
CA GLY A 65 -5.16 -21.54 4.71
C GLY A 65 -4.89 -21.96 3.28
N ASN A 66 -5.10 -21.07 2.31
CA ASN A 66 -4.86 -21.34 0.90
C ASN A 66 -3.69 -20.54 0.35
N GLY A 67 -2.88 -19.95 1.21
CA GLY A 67 -1.75 -19.15 0.76
C GLY A 67 -2.04 -17.67 0.59
N ASN A 68 -3.13 -17.16 1.17
CA ASN A 68 -3.43 -15.74 1.10
C ASN A 68 -3.66 -15.16 2.48
N LEU A 69 -3.35 -13.87 2.59
CA LEU A 69 -3.77 -13.06 3.71
C LEU A 69 -5.12 -12.43 3.37
N ARG A 70 -6.00 -12.36 4.36
CA ARG A 70 -7.24 -11.60 4.25
C ARG A 70 -7.23 -10.47 5.25
N ILE A 71 -7.51 -9.25 4.78
CA ILE A 71 -7.77 -8.11 5.66
C ILE A 71 -9.23 -7.71 5.45
N THR A 72 -10.00 -7.66 6.53
CA THR A 72 -11.46 -7.56 6.45
C THR A 72 -11.99 -6.44 7.33
N PRO A 73 -12.55 -5.37 6.76
CA PRO A 73 -13.26 -4.38 7.58
C PRO A 73 -14.57 -4.96 8.09
N LEU A 74 -14.87 -4.69 9.36
CA LEU A 74 -16.09 -5.15 10.00
C LEU A 74 -16.73 -3.98 10.72
N ARG A 75 -18.06 -4.02 10.85
CA ARG A 75 -18.82 -3.00 11.57
C ARG A 75 -19.60 -3.64 12.69
N SER A 76 -19.35 -3.21 13.92
CA SER A 76 -19.98 -3.79 15.09
C SER A 76 -21.43 -3.32 15.23
N ALA A 77 -22.15 -3.96 16.14
CA ALA A 77 -23.49 -3.52 16.48
C ALA A 77 -23.49 -2.09 16.99
N SER A 78 -22.44 -1.69 17.70
CA SER A 78 -22.32 -0.31 18.18
C SER A 78 -21.95 0.68 17.08
N GLY A 79 -21.71 0.21 15.85
CA GLY A 79 -21.43 1.08 14.73
C GLY A 79 -19.96 1.37 14.50
N GLU A 80 -19.06 0.71 15.22
CA GLU A 80 -17.63 0.94 15.07
C GLU A 80 -17.08 0.09 13.94
N TRP A 81 -16.29 0.71 13.06
CA TRP A 81 -15.56 -0.02 12.04
C TRP A 81 -14.21 -0.43 12.57
N THR A 82 -13.84 -1.68 12.31
CA THR A 82 -12.50 -2.19 12.57
C THR A 82 -11.92 -2.72 11.26
N SER A 83 -10.60 -2.78 11.21
CA SER A 83 -9.89 -3.35 10.08
C SER A 83 -8.47 -3.67 10.56
N ALA A 84 -7.54 -3.84 9.62
CA ALA A 84 -6.15 -4.09 9.96
C ALA A 84 -5.21 -3.33 9.05
N ARG A 85 -4.02 -3.07 9.59
CA ARG A 85 -2.93 -2.38 8.90
C ARG A 85 -1.64 -3.00 9.42
N ILE A 86 -0.90 -3.66 8.53
CA ILE A 86 0.34 -4.32 8.89
C ILE A 86 1.48 -3.67 8.11
N GLU A 87 2.65 -3.61 8.73
CA GLU A 87 3.81 -3.00 8.09
C GLU A 87 5.03 -3.85 8.37
N THR A 88 5.96 -3.87 7.42
CA THR A 88 7.11 -4.75 7.56
C THR A 88 8.05 -4.25 8.65
N ARG A 89 8.58 -5.19 9.44
CA ARG A 89 9.67 -4.84 10.35
C ARG A 89 10.87 -4.32 9.61
N ARG A 90 11.20 -4.96 8.48
CA ARG A 90 12.29 -4.49 7.67
CA ARG A 90 12.29 -4.50 7.64
C ARG A 90 11.96 -3.14 7.04
N ALA A 91 12.93 -2.24 7.06
CA ALA A 91 12.73 -0.88 6.60
C ALA A 91 13.90 -0.40 5.76
N ASP A 92 14.60 -1.33 5.12
CA ASP A 92 15.80 -1.00 4.35
C ASP A 92 15.67 -1.41 2.89
N PHE A 93 14.45 -1.42 2.36
CA PHE A 93 14.27 -1.75 0.96
C PHE A 93 14.67 -0.55 0.11
N LYS A 94 15.67 -0.75 -0.74
CA LYS A 94 16.28 0.33 -1.52
C LYS A 94 17.11 -0.32 -2.61
N PRO A 95 17.14 0.23 -3.84
CA PRO A 95 17.99 -0.36 -4.86
C PRO A 95 19.45 -0.25 -4.47
N ALA A 96 20.22 -1.28 -4.79
CA ALA A 96 21.66 -1.17 -4.74
C ALA A 96 22.11 -0.11 -5.75
N PRO A 97 23.23 0.57 -5.50
CA PRO A 97 23.71 1.59 -6.44
C PRO A 97 23.82 1.03 -7.85
N GLY A 98 23.19 1.72 -8.80
CA GLY A 98 23.19 1.30 -10.18
C GLY A 98 22.20 0.22 -10.52
N GLY A 99 21.44 -0.30 -9.55
CA GLY A 99 20.50 -1.36 -9.77
C GLY A 99 19.06 -0.89 -9.69
N VAL A 100 18.16 -1.86 -9.79
CA VAL A 100 16.72 -1.64 -9.73
C VAL A 100 16.15 -2.42 -8.55
N LEU A 101 15.20 -1.81 -7.85
CA LEU A 101 14.41 -2.47 -6.83
C LEU A 101 13.01 -2.72 -7.40
N ARG A 102 12.53 -3.96 -7.26
CA ARG A 102 11.18 -4.33 -7.70
C ARG A 102 10.38 -4.72 -6.47
N ILE A 103 9.24 -4.07 -6.25
CA ILE A 103 8.34 -4.36 -5.15
C ILE A 103 7.00 -4.75 -5.76
N GLU A 104 6.43 -5.86 -5.29
CA GLU A 104 5.26 -6.39 -5.99
C GLU A 104 4.36 -7.11 -5.00
N ALA A 105 3.06 -7.04 -5.26
CA ALA A 105 2.10 -7.84 -4.52
C ALA A 105 0.99 -8.30 -5.46
N ARG A 106 0.48 -9.50 -5.22
CA ARG A 106 -0.63 -10.06 -5.97
CA ARG A 106 -0.63 -10.05 -5.98
C ARG A 106 -1.85 -10.02 -5.07
N ILE A 107 -2.86 -9.24 -5.49
CA ILE A 107 -3.96 -8.85 -4.61
C ILE A 107 -5.28 -8.93 -5.36
N GLN A 108 -6.34 -9.36 -4.67
CA GLN A 108 -7.72 -9.14 -5.09
C GLN A 108 -8.34 -8.12 -4.15
N LEU A 109 -8.91 -7.05 -4.70
CA LEU A 109 -9.47 -6.01 -3.87
C LEU A 109 -10.79 -6.46 -3.26
N PRO A 110 -11.23 -5.81 -2.18
CA PRO A 110 -12.53 -6.17 -1.59
C PRO A 110 -13.61 -6.22 -2.66
N ASN A 111 -14.32 -7.35 -2.72
CA ASN A 111 -15.23 -7.60 -3.83
C ASN A 111 -16.59 -7.00 -3.50
N VAL A 112 -16.69 -5.70 -3.78
CA VAL A 112 -17.85 -4.90 -3.42
C VAL A 112 -17.87 -3.69 -4.34
N THR A 113 -19.06 -3.27 -4.77
CA THR A 113 -19.18 -2.18 -5.72
C THR A 113 -20.39 -1.32 -5.38
N GLY A 114 -20.47 -0.16 -6.01
CA GLY A 114 -21.62 0.71 -5.84
C GLY A 114 -21.69 1.30 -4.44
N GLU A 115 -22.92 1.62 -4.03
CA GLU A 115 -23.09 2.24 -2.72
C GLU A 115 -22.57 1.35 -1.60
N ALA A 116 -22.66 0.03 -1.77
CA ALA A 116 -22.16 -0.91 -0.77
C ALA A 116 -20.67 -0.76 -0.51
N ALA A 117 -19.93 -0.19 -1.47
CA ALA A 117 -18.49 -0.08 -1.40
C ALA A 117 -18.01 1.27 -0.88
N LEU A 118 -18.90 2.22 -0.63
CA LEU A 118 -18.44 3.57 -0.30
C LEU A 118 -17.59 3.56 0.97
N GLY A 119 -16.39 4.09 0.86
CA GLY A 119 -15.47 4.18 1.98
C GLY A 119 -14.36 3.15 1.99
N TYR A 120 -14.54 2.01 1.32
CA TYR A 120 -13.49 1.00 1.28
C TYR A 120 -12.23 1.56 0.65
N TRP A 121 -11.10 1.47 1.36
CA TRP A 121 -9.85 2.10 0.93
C TRP A 121 -8.69 1.13 1.13
N PRO A 122 -8.59 0.12 0.27
CA PRO A 122 -7.44 -0.80 0.30
C PRO A 122 -6.19 -0.15 -0.26
N ALA A 123 -5.04 -0.57 0.28
CA ALA A 123 -3.79 0.00 -0.21
C ALA A 123 -2.63 -0.96 0.06
N PHE A 124 -1.66 -0.91 -0.85
CA PHE A 124 -0.35 -1.54 -0.70
C PHE A 124 0.67 -0.46 -1.04
N TRP A 125 1.54 -0.14 -0.09
CA TRP A 125 2.33 1.07 -0.23
C TRP A 125 3.62 0.96 0.56
N ALA A 126 4.46 1.97 0.39
CA ALA A 126 5.78 2.00 0.99
C ALA A 126 6.05 3.39 1.55
N LEU A 127 6.70 3.44 2.70
CA LEU A 127 7.00 4.70 3.38
CA LEU A 127 7.00 4.69 3.39
C LEU A 127 8.48 4.76 3.71
N GLY A 128 9.06 5.95 3.57
CA GLY A 128 10.47 6.10 3.87
C GLY A 128 10.76 5.83 5.34
N SER A 129 11.82 5.07 5.57
CA SER A 129 12.17 4.61 6.91
C SER A 129 12.27 5.70 7.98
N PRO A 130 12.77 6.92 7.71
CA PRO A 130 12.86 7.91 8.80
C PRO A 130 11.52 8.31 9.38
N TYR A 131 10.41 8.01 8.71
CA TYR A 131 9.10 8.31 9.28
C TYR A 131 8.84 7.52 10.56
N ARG A 132 9.34 6.28 10.62
CA ARG A 132 9.07 5.39 11.74
C ARG A 132 9.66 5.96 13.03
N GLY A 133 8.81 6.15 14.03
CA GLY A 133 9.20 6.77 15.28
C GLY A 133 9.19 8.28 15.27
N ASP A 134 8.96 8.91 14.11
CA ASP A 134 8.92 10.36 14.01
C ASP A 134 7.51 10.84 13.72
N TYR A 135 6.95 10.43 12.59
CA TYR A 135 5.56 10.62 12.19
C TYR A 135 5.26 12.04 11.72
N TRP A 136 6.27 12.91 11.60
CA TRP A 136 6.05 14.30 11.24
C TRP A 136 7.01 14.79 10.18
N ASN A 137 7.71 13.88 9.51
CA ASN A 137 8.58 14.20 8.39
C ASN A 137 8.04 13.70 7.06
N TRP A 138 6.73 13.50 6.98
CA TRP A 138 6.02 13.23 5.75
C TRP A 138 5.55 14.54 5.15
N PRO A 139 5.66 14.75 3.83
CA PRO A 139 6.05 13.80 2.79
C PRO A 139 7.53 13.79 2.42
N ARG A 140 8.35 14.55 3.14
CA ARG A 140 9.76 14.68 2.78
C ARG A 140 10.44 13.34 2.55
N ILE A 141 10.18 12.35 3.42
CA ILE A 141 10.88 11.08 3.36
C ILE A 141 10.43 10.19 2.21
N GLY A 142 9.33 10.52 1.54
CA GLY A 142 8.87 9.74 0.40
C GLY A 142 7.80 8.72 0.76
N GLU A 143 6.87 8.52 -0.19
CA GLU A 143 5.88 7.48 -0.09
C GLU A 143 5.58 7.01 -1.51
N PHE A 144 5.54 5.68 -1.69
CA PHE A 144 5.15 5.08 -2.96
C PHE A 144 3.85 4.32 -2.73
N ASP A 145 2.76 4.78 -3.34
CA ASP A 145 1.51 4.04 -3.32
C ASP A 145 1.53 3.13 -4.52
N ILE A 146 1.73 1.84 -4.26
CA ILE A 146 1.95 0.88 -5.33
C ILE A 146 0.62 0.38 -5.86
N MET A 147 -0.34 0.15 -4.98
CA MET A 147 -1.74 -0.05 -5.34
C MET A 147 -2.55 0.77 -4.36
N GLU A 148 -3.39 1.65 -4.88
CA GLU A 148 -4.36 2.35 -4.07
C GLU A 148 -5.68 2.34 -4.79
N ASN A 149 -6.77 2.18 -4.03
CA ASN A 149 -8.09 2.07 -4.63
C ASN A 149 -9.12 2.53 -3.61
N VAL A 150 -10.25 3.06 -4.10
CA VAL A 150 -11.36 3.43 -3.24
C VAL A 150 -12.69 2.99 -3.86
N ASN A 151 -13.66 2.76 -2.99
CA ASN A 151 -15.07 2.76 -3.36
C ASN A 151 -15.43 1.65 -4.34
N GLY A 152 -14.68 0.54 -4.31
CA GLY A 152 -14.99 -0.59 -5.17
C GLY A 152 -14.83 -0.32 -6.65
N LEU A 153 -14.13 0.74 -7.03
CA LEU A 153 -14.03 1.12 -8.43
C LEU A 153 -13.02 0.22 -9.14
N ASN A 154 -13.29 -0.07 -10.41
CA ASN A 154 -12.37 -0.88 -11.21
C ASN A 154 -11.24 0.01 -11.74
N ARG A 155 -10.38 0.40 -10.82
CA ARG A 155 -9.31 1.35 -11.12
C ARG A 155 -8.26 1.24 -10.04
N VAL A 156 -6.99 1.25 -10.43
CA VAL A 156 -5.86 1.31 -9.51
C VAL A 156 -5.16 2.64 -9.71
N TRP A 157 -4.82 3.29 -8.60
CA TRP A 157 -3.96 4.48 -8.61
C TRP A 157 -2.57 4.10 -8.14
N GLY A 158 -1.57 4.68 -8.80
CA GLY A 158 -0.17 4.58 -8.39
C GLY A 158 0.33 5.99 -8.20
N VAL A 159 0.91 6.28 -7.03
CA VAL A 159 1.14 7.68 -6.62
C VAL A 159 2.47 7.80 -5.91
N LEU A 160 3.16 8.92 -6.16
CA LEU A 160 4.31 9.35 -5.39
C LEU A 160 3.92 10.54 -4.52
N HIS A 161 4.32 10.50 -3.25
CA HIS A 161 4.25 11.68 -2.38
C HIS A 161 5.66 12.06 -1.98
N CYS A 162 5.91 13.36 -1.92
CA CYS A 162 7.26 13.88 -1.69
C CYS A 162 7.14 15.35 -1.33
N GLY A 163 8.28 15.94 -0.98
CA GLY A 163 8.35 17.40 -0.83
C GLY A 163 7.85 17.91 0.50
N VAL A 164 6.84 18.77 0.45
CA VAL A 164 6.19 19.31 1.64
C VAL A 164 4.68 19.20 1.44
N ALA A 165 3.94 19.41 2.54
CA ALA A 165 2.48 19.32 2.50
C ALA A 165 1.89 20.39 3.39
N PRO A 166 0.83 21.07 2.95
CA PRO A 166 0.20 20.90 1.63
C PRO A 166 1.05 21.48 0.52
N GLY A 167 0.75 21.12 -0.71
CA GLY A 167 1.39 21.74 -1.86
C GLY A 167 2.74 21.15 -2.17
N GLY A 168 3.71 22.02 -2.43
CA GLY A 168 5.03 21.59 -2.81
C GLY A 168 5.09 20.97 -4.19
N PRO A 169 6.25 20.47 -4.58
CA PRO A 169 6.41 19.94 -5.94
C PRO A 169 5.55 18.71 -6.24
N CYS A 170 5.18 17.95 -5.22
CA CYS A 170 4.35 16.77 -5.45
C CYS A 170 2.86 17.06 -5.26
N ASN A 171 2.46 18.33 -5.18
CA ASN A 171 1.05 18.70 -5.18
C ASN A 171 0.27 17.98 -4.09
N GLU A 172 0.78 18.04 -2.86
CA GLU A 172 0.15 17.34 -1.77
C GLU A 172 -1.15 18.05 -1.38
N TYR A 173 -2.16 17.29 -0.94
CA TYR A 173 -2.07 15.88 -0.60
C TYR A 173 -2.39 14.89 -1.73
N ASP A 174 -2.60 15.41 -2.95
CA ASP A 174 -2.90 14.55 -4.09
C ASP A 174 -1.70 13.68 -4.47
N GLY A 175 -0.49 14.22 -4.40
CA GLY A 175 0.66 13.51 -4.90
C GLY A 175 0.71 13.55 -6.42
N LEU A 176 1.74 12.89 -6.97
CA LEU A 176 1.93 12.79 -8.42
C LEU A 176 1.57 11.36 -8.80
N GLY A 177 0.37 11.19 -9.36
CA GLY A 177 -0.16 9.86 -9.59
C GLY A 177 -0.76 9.72 -10.97
N ASN A 178 -1.05 8.47 -11.31
CA ASN A 178 -1.87 8.15 -12.46
C ASN A 178 -2.67 6.91 -12.10
N SER A 179 -3.53 6.48 -13.01
CA SER A 179 -4.42 5.38 -12.71
C SER A 179 -4.79 4.66 -14.00
N ARG A 180 -5.33 3.45 -13.84
CA ARG A 180 -5.96 2.78 -14.96
C ARG A 180 -6.86 1.67 -14.46
N GLU A 181 -7.76 1.22 -15.34
CA GLU A 181 -8.58 0.05 -15.06
C GLU A 181 -7.69 -1.19 -14.95
N CYS A 182 -8.12 -2.15 -14.14
CA CYS A 182 -7.38 -3.41 -14.11
C CYS A 182 -7.56 -4.11 -15.45
N PRO A 183 -6.48 -4.68 -16.01
CA PRO A 183 -6.63 -5.48 -17.23
C PRO A 183 -7.40 -6.76 -16.93
N GLY A 184 -8.26 -7.15 -17.87
CA GLY A 184 -9.01 -8.38 -17.72
C GLY A 184 -10.14 -8.28 -16.72
N THR A 185 -10.14 -9.16 -15.72
CA THR A 185 -11.12 -9.12 -14.65
C THR A 185 -10.99 -7.81 -13.88
N THR A 186 -12.10 -7.32 -13.31
CA THR A 186 -12.01 -6.09 -12.53
C THR A 186 -11.07 -6.28 -11.35
N CYS A 187 -10.60 -5.16 -10.80
CA CYS A 187 -9.70 -5.23 -9.65
C CYS A 187 -10.38 -5.94 -8.47
N GLN A 188 -11.71 -5.85 -8.40
CA GLN A 188 -12.50 -6.43 -7.31
C GLN A 188 -12.75 -7.92 -7.48
N ALA A 189 -12.79 -8.40 -8.73
CA ALA A 189 -13.29 -9.74 -9.00
C ALA A 189 -12.20 -10.79 -9.22
N GLY A 190 -10.92 -10.39 -9.23
CA GLY A 190 -9.86 -11.36 -9.43
C GLY A 190 -8.54 -10.81 -8.95
N MET A 191 -7.55 -11.71 -8.92
CA MET A 191 -6.20 -11.37 -8.53
C MET A 191 -5.48 -10.62 -9.65
N HIS A 192 -4.73 -9.59 -9.28
CA HIS A 192 -3.88 -8.84 -10.20
C HIS A 192 -2.55 -8.60 -9.50
N THR A 193 -1.50 -8.40 -10.29
CA THR A 193 -0.16 -8.19 -9.77
C THR A 193 0.22 -6.72 -9.91
N TYR A 194 0.45 -6.07 -8.77
CA TYR A 194 0.76 -4.65 -8.71
C TYR A 194 2.25 -4.54 -8.44
N ARG A 195 2.97 -3.90 -9.36
CA ARG A 195 4.42 -3.84 -9.34
C ARG A 195 4.90 -2.40 -9.38
N PHE A 196 5.96 -2.13 -8.63
CA PHE A 196 6.64 -0.86 -8.63
C PHE A 196 8.13 -1.13 -8.82
N GLU A 197 8.77 -0.32 -9.64
CA GLU A 197 10.22 -0.40 -9.82
C GLU A 197 10.85 0.95 -9.55
N TRP A 198 11.95 0.94 -8.81
CA TRP A 198 12.76 2.11 -8.53
C TRP A 198 14.11 1.82 -9.18
N ASP A 199 14.36 2.52 -10.29
CA ASP A 199 15.39 2.15 -11.25
C ASP A 199 16.52 3.18 -11.18
N THR A 200 17.69 2.75 -10.68
CA THR A 200 18.89 3.57 -10.71
C THR A 200 19.90 3.08 -11.73
N SER A 201 19.53 2.10 -12.56
CA SER A 201 20.38 1.70 -13.67
C SER A 201 20.32 2.73 -14.81
N ARG A 202 19.20 3.41 -14.96
CA ARG A 202 19.06 4.50 -15.89
C ARG A 202 19.36 5.83 -15.20
N SER A 203 19.88 6.76 -15.98
CA SER A 203 19.92 8.16 -15.62
C SER A 203 19.13 8.92 -16.68
N PRO A 204 18.16 9.76 -16.31
CA PRO A 204 17.68 10.00 -14.94
C PRO A 204 17.12 8.71 -14.33
N ASN A 205 17.21 8.58 -13.01
CA ASN A 205 16.55 7.47 -12.35
C ASN A 205 15.03 7.56 -12.58
N GLU A 206 14.35 6.42 -12.45
CA GLU A 206 12.92 6.36 -12.71
C GLU A 206 12.20 5.58 -11.62
N LEU A 207 10.96 6.01 -11.35
CA LEU A 207 9.99 5.24 -10.59
C LEU A 207 8.88 4.85 -11.55
N ARG A 208 8.52 3.56 -11.58
CA ARG A 208 7.55 3.05 -12.54
C ARG A 208 6.52 2.16 -11.85
N TRP A 209 5.26 2.28 -12.29
CA TRP A 209 4.16 1.51 -11.75
C TRP A 209 3.52 0.66 -12.84
N TYR A 210 3.11 -0.56 -12.49
CA TYR A 210 2.53 -1.52 -13.40
C TYR A 210 1.37 -2.24 -12.73
N VAL A 211 0.39 -2.63 -13.53
CA VAL A 211 -0.61 -3.62 -13.11
C VAL A 211 -0.66 -4.71 -14.17
N ASP A 212 -0.44 -5.95 -13.74
CA ASP A 212 -0.35 -7.08 -14.67
C ASP A 212 0.64 -6.80 -15.81
N GLY A 213 1.77 -6.19 -15.46
CA GLY A 213 2.81 -5.88 -16.43
C GLY A 213 2.52 -4.70 -17.31
N GLN A 214 1.37 -4.05 -17.17
CA GLN A 214 1.02 -2.88 -17.97
C GLN A 214 1.51 -1.62 -17.27
N HIS A 215 2.46 -0.93 -17.91
CA HIS A 215 3.11 0.23 -17.33
C HIS A 215 2.21 1.46 -17.50
N TYR A 216 1.80 2.09 -16.39
CA TYR A 216 0.85 3.18 -16.47
C TYR A 216 1.27 4.47 -15.78
N HIS A 217 2.42 4.51 -15.10
CA HIS A 217 2.86 5.74 -14.47
C HIS A 217 4.38 5.71 -14.35
N THR A 218 4.99 6.88 -14.49
CA THR A 218 6.42 7.08 -14.34
C THR A 218 6.66 8.43 -13.69
N ILE A 219 7.62 8.48 -12.77
CA ILE A 219 8.21 9.73 -12.32
C ILE A 219 9.72 9.61 -12.51
N ARG A 220 10.32 10.61 -13.12
CA ARG A 220 11.75 10.60 -13.39
C ARG A 220 12.48 11.61 -12.52
N GLN A 221 13.75 11.30 -12.26
CA GLN A 221 14.60 12.15 -11.43
C GLN A 221 14.72 13.57 -11.99
N ASP A 222 14.67 13.72 -13.32
CA ASP A 222 14.79 15.06 -13.89
C ASP A 222 13.51 15.88 -13.78
N GLN A 223 12.44 15.32 -13.22
CA GLN A 223 11.17 16.03 -13.05
C GLN A 223 11.01 16.65 -11.67
N LEU A 224 11.96 16.43 -10.77
CA LEU A 224 11.93 17.00 -9.42
C LEU A 224 13.30 17.60 -9.14
N ASP A 225 13.34 18.56 -8.21
CA ASP A 225 14.63 19.15 -7.91
C ASP A 225 15.49 18.21 -7.07
N ALA A 226 16.76 18.54 -6.95
CA ALA A 226 17.72 17.62 -6.36
C ALA A 226 17.45 17.39 -4.87
N THR A 227 17.06 18.44 -4.15
CA THR A 227 16.80 18.29 -2.73
C THR A 227 15.59 17.41 -2.48
N THR A 228 14.52 17.62 -3.24
CA THR A 228 13.32 16.79 -3.10
C THR A 228 13.67 15.33 -3.35
N TRP A 229 14.41 15.06 -4.42
CA TRP A 229 14.80 13.69 -4.75
C TRP A 229 15.69 13.09 -3.66
N SER A 230 16.71 13.82 -3.22
CA SER A 230 17.61 13.30 -2.21
CA SER A 230 17.61 13.27 -2.22
CA SER A 230 17.61 13.30 -2.21
C SER A 230 16.87 13.02 -0.91
N ASN A 231 15.92 13.88 -0.55
CA ASN A 231 15.19 13.69 0.71
C ASN A 231 14.42 12.37 0.73
N MET A 232 13.90 11.93 -0.40
CA MET A 232 13.11 10.70 -0.44
C MET A 232 13.91 9.47 -0.85
N THR A 233 15.17 9.61 -1.24
CA THR A 233 15.97 8.46 -1.66
C THR A 233 17.26 8.28 -0.88
N GLY A 234 17.77 9.31 -0.20
CA GLY A 234 19.09 9.23 0.37
C GLY A 234 19.20 8.45 1.66
N HIS A 235 18.07 8.18 2.32
CA HIS A 235 18.05 7.49 3.59
C HIS A 235 18.18 5.98 3.36
N GLY A 236 17.97 5.20 4.43
CA GLY A 236 18.24 3.78 4.38
C GLY A 236 17.24 2.94 3.62
N GLY A 237 16.11 3.49 3.21
CA GLY A 237 15.18 2.71 2.44
C GLY A 237 13.77 2.81 2.98
N TYR A 238 12.91 1.91 2.50
CA TYR A 238 11.48 1.97 2.74
C TYR A 238 11.01 0.72 3.47
N PHE A 239 9.92 0.86 4.21
CA PHE A 239 9.13 -0.27 4.70
C PHE A 239 7.81 -0.32 3.94
N LEU A 240 7.17 -1.50 3.97
CA LEU A 240 5.95 -1.73 3.21
C LEU A 240 4.75 -1.87 4.14
N LEU A 241 3.57 -1.55 3.59
CA LEU A 241 2.31 -1.55 4.34
C LEU A 241 1.21 -2.16 3.52
N LEU A 242 0.33 -2.91 4.20
CA LEU A 242 -0.92 -3.41 3.65
C LEU A 242 -2.03 -3.04 4.61
N ASN A 243 -3.14 -2.50 4.09
CA ASN A 243 -4.24 -2.13 4.97
C ASN A 243 -5.53 -2.00 4.16
N VAL A 244 -6.65 -1.99 4.87
CA VAL A 244 -7.90 -1.50 4.31
C VAL A 244 -8.45 -0.47 5.28
N ALA A 245 -8.40 0.79 4.91
CA ALA A 245 -9.00 1.87 5.68
C ALA A 245 -10.46 2.01 5.29
N MET A 246 -11.22 2.72 6.13
CA MET A 246 -12.64 2.97 5.88
CA MET A 246 -12.64 2.97 5.88
C MET A 246 -12.89 4.47 6.04
N GLY A 247 -13.29 5.12 4.95
CA GLY A 247 -13.53 6.54 4.96
C GLY A 247 -12.25 7.35 4.89
N GLY A 248 -12.40 8.66 4.94
CA GLY A 248 -11.26 9.55 4.91
C GLY A 248 -11.05 10.18 3.55
N ALA A 249 -9.88 10.80 3.40
CA ALA A 249 -9.67 11.79 2.35
C ALA A 249 -9.92 11.24 0.94
N PHE A 250 -9.29 10.12 0.59
CA PHE A 250 -9.39 9.61 -0.78
C PHE A 250 -10.79 9.11 -1.11
N PRO A 251 -11.41 8.20 -0.34
CA PRO A 251 -12.75 7.76 -0.71
C PRO A 251 -13.77 8.88 -0.65
N ASP A 252 -13.66 9.79 0.32
CA ASP A 252 -14.56 10.93 0.37
C ASP A 252 -14.40 11.83 -0.86
N GLY A 253 -13.16 12.03 -1.30
CA GLY A 253 -12.95 12.91 -2.43
C GLY A 253 -13.50 12.34 -3.72
N VAL A 254 -13.31 11.04 -3.95
CA VAL A 254 -13.79 10.44 -5.19
C VAL A 254 -15.31 10.31 -5.17
N ALA A 255 -15.91 9.97 -4.03
CA ALA A 255 -17.36 9.90 -3.93
C ALA A 255 -18.00 11.28 -3.97
N GLY A 256 -17.26 12.31 -3.55
CA GLY A 256 -17.81 13.64 -3.48
C GLY A 256 -18.57 13.93 -2.21
N HIS A 257 -18.58 12.99 -1.25
CA HIS A 257 -19.24 13.19 0.03
C HIS A 257 -18.62 12.23 1.03
N ALA A 258 -19.05 12.37 2.29
CA ALA A 258 -18.45 11.57 3.36
C ALA A 258 -18.77 10.10 3.18
N THR A 259 -17.81 9.26 3.55
CA THR A 259 -17.90 7.81 3.52
C THR A 259 -17.25 7.28 4.78
N PRO A 260 -17.60 6.03 5.20
CA PRO A 260 -18.66 5.18 4.69
C PRO A 260 -20.03 5.76 5.05
N THR A 261 -21.07 5.16 4.52
CA THR A 261 -22.44 5.54 4.87
C THR A 261 -23.13 4.32 5.48
N SER A 262 -24.39 4.52 5.88
CA SER A 262 -25.16 3.39 6.40
C SER A 262 -25.31 2.26 5.39
N ALA A 263 -25.22 2.57 4.09
CA ALA A 263 -25.37 1.56 3.05
C ALA A 263 -24.09 0.77 2.78
N THR A 264 -22.95 1.22 3.28
CA THR A 264 -21.71 0.46 3.10
C THR A 264 -21.87 -0.90 3.74
N VAL A 265 -21.41 -1.94 3.06
CA VAL A 265 -21.59 -3.33 3.50
C VAL A 265 -20.26 -3.82 4.07
N PRO A 266 -20.20 -4.24 5.32
CA PRO A 266 -18.95 -4.74 5.90
C PRO A 266 -18.63 -6.16 5.43
N GLY A 267 -17.41 -6.58 5.76
CA GLY A 267 -17.02 -7.96 5.63
C GLY A 267 -16.40 -8.37 4.31
N ARG A 268 -16.07 -7.42 3.44
CA ARG A 268 -15.50 -7.72 2.13
C ARG A 268 -13.98 -7.60 2.22
N SER A 269 -13.28 -8.70 2.03
CA SER A 269 -11.86 -8.77 2.34
C SER A 269 -10.98 -8.39 1.15
N MET A 270 -9.87 -7.72 1.44
CA MET A 270 -8.74 -7.70 0.52
C MET A 270 -7.95 -8.98 0.71
N ILE A 271 -7.62 -9.64 -0.40
CA ILE A 271 -6.97 -10.94 -0.40
C ILE A 271 -5.60 -10.79 -1.04
N VAL A 272 -4.54 -11.18 -0.33
CA VAL A 272 -3.18 -10.97 -0.79
C VAL A 272 -2.47 -12.31 -0.88
N ASP A 273 -2.08 -12.72 -2.09
CA ASP A 273 -1.35 -13.97 -2.26
C ASP A 273 0.09 -13.84 -1.76
N TYR A 274 0.76 -12.73 -2.10
CA TYR A 274 2.14 -12.54 -1.67
C TYR A 274 2.51 -11.08 -1.80
N VAL A 275 3.55 -10.72 -1.05
CA VAL A 275 4.31 -9.50 -1.26
CA VAL A 275 4.32 -9.50 -1.22
C VAL A 275 5.78 -9.91 -1.38
N GLY A 276 6.49 -9.26 -2.30
CA GLY A 276 7.88 -9.59 -2.52
C GLY A 276 8.70 -8.38 -2.91
N VAL A 277 10.00 -8.46 -2.62
CA VAL A 277 10.96 -7.42 -2.97
C VAL A 277 12.16 -8.10 -3.62
N TRP A 278 12.57 -7.61 -4.78
CA TRP A 278 13.72 -8.13 -5.50
C TRP A 278 14.69 -7.02 -5.84
N GLN A 279 15.97 -7.37 -5.95
CA GLN A 279 17.00 -6.50 -6.50
C GLN A 279 17.48 -7.07 -7.83
N SER A 280 17.76 -6.19 -8.79
CA SER A 280 18.21 -6.69 -10.09
C SER A 280 19.59 -7.32 -9.97
N GLY A 281 19.84 -8.31 -10.83
CA GLY A 281 21.07 -9.07 -10.79
C GLY A 281 20.84 -10.39 -10.09
N GLY A 282 21.20 -11.49 -10.73
CA GLY A 282 20.97 -12.81 -10.17
C GLY A 282 22.07 -13.23 -9.22
#